data_1MJA
#
_entry.id   1MJA
#
_cell.length_a   181.274
_cell.length_b   181.274
_cell.length_c   181.274
_cell.angle_alpha   90.00
_cell.angle_beta   90.00
_cell.angle_gamma   90.00
#
_symmetry.space_group_name_H-M   'I 41 3 2'
#
loop_
_entity.id
_entity.type
_entity.pdbx_description
1 polymer 'Esa1 protein'
2 non-polymer 'COENZYME A'
3 water water
#
_entity_poly.entity_id   1
_entity_poly.type   'polypeptide(L)'
_entity_poly.pdbx_seq_one_letter_code
;MKEVARVRNLNRIIMGKYEIEPWYFSPYPIELTDEDFIYIDDFTLQYFGSKKQYERYRKKCTLRHPPGNEIYRDDYVSFF
EIDGRKQRTWCRNLCLLSKLFLDHKTLYYDVDPFLFYCMTRRDELGHHLVGYFSKEKESADGYNVA(SCY)ILTLPQYQR
MGYGKLLIEFSYELSKKENKVGSPEKPLSDLGLLSYRAYWSDTLITLLVEHQKEITIDEISSMTSMTTTDILHTAKTLNI
LRYYKGQHIIFLNEDILDRYNRLKAKKRRTIDPNRLIWKPPV
;
_entity_poly.pdbx_strand_id   A
#
loop_
_chem_comp.id
_chem_comp.type
_chem_comp.name
_chem_comp.formula
COA non-polymer 'COENZYME A' 'C21 H36 N7 O16 P3 S'
#
# COMPACT_ATOMS: atom_id res chain seq x y z
N ALA A 5 -14.44 27.66 27.67
CA ALA A 5 -13.61 26.42 27.65
C ALA A 5 -13.81 25.63 26.36
N ARG A 6 -12.83 25.70 25.46
CA ARG A 6 -12.92 24.98 24.19
C ARG A 6 -12.45 23.54 24.30
N VAL A 7 -13.25 22.65 23.74
CA VAL A 7 -12.94 21.22 23.74
C VAL A 7 -12.87 20.87 22.25
N ARG A 8 -11.66 20.99 21.70
CA ARG A 8 -11.45 20.78 20.28
C ARG A 8 -11.22 19.35 19.81
N ASN A 9 -11.53 19.14 18.53
CA ASN A 9 -11.36 17.85 17.89
C ASN A 9 -9.98 17.91 17.22
N LEU A 10 -9.45 16.76 16.83
CA LEU A 10 -8.15 16.73 16.17
C LEU A 10 -8.36 17.18 14.71
N ASN A 11 -8.04 18.43 14.42
CA ASN A 11 -8.24 18.98 13.08
C ASN A 11 -7.00 19.00 12.20
N ARG A 12 -5.84 18.73 12.78
CA ARG A 12 -4.61 18.71 12.01
C ARG A 12 -3.46 18.05 12.73
N ILE A 13 -2.67 17.29 11.97
CA ILE A 13 -1.51 16.61 12.52
C ILE A 13 -0.30 17.25 11.86
N ILE A 14 0.77 17.43 12.63
CA ILE A 14 2.00 18.02 12.10
C ILE A 14 3.03 16.91 11.99
N MET A 15 3.35 16.54 10.76
CA MET A 15 4.29 15.46 10.48
C MET A 15 5.41 16.04 9.62
N GLY A 16 6.55 16.29 10.25
CA GLY A 16 7.66 16.88 9.53
C GLY A 16 7.24 18.30 9.16
N LYS A 17 7.42 18.68 7.91
CA LYS A 17 7.04 20.00 7.46
C LYS A 17 5.57 20.06 7.06
N TYR A 18 4.91 18.90 7.06
CA TYR A 18 3.51 18.85 6.65
C TYR A 18 2.48 19.03 7.76
N GLU A 19 1.45 19.82 7.45
CA GLU A 19 0.35 20.06 8.39
C GLU A 19 -0.83 19.44 7.62
N ILE A 20 -1.21 18.23 8.03
CA ILE A 20 -2.26 17.47 7.38
C ILE A 20 -3.60 17.46 8.11
N GLU A 21 -4.68 17.70 7.38
CA GLU A 21 -6.04 17.67 7.97
C GLU A 21 -6.62 16.27 7.79
N PRO A 22 -7.01 15.62 8.90
CA PRO A 22 -7.59 14.27 8.83
C PRO A 22 -8.87 14.24 7.99
N TRP A 23 -9.20 13.06 7.47
CA TRP A 23 -10.42 12.89 6.68
C TRP A 23 -11.48 12.30 7.60
N TYR A 24 -11.05 11.48 8.54
CA TYR A 24 -11.95 10.83 9.49
C TYR A 24 -11.37 10.88 10.90
N PHE A 25 -12.19 10.53 11.87
CA PHE A 25 -11.80 10.49 13.27
C PHE A 25 -10.94 9.27 13.58
N SER A 26 -9.92 9.46 14.42
CA SER A 26 -9.07 8.35 14.82
C SER A 26 -8.98 8.39 16.36
N PRO A 27 -9.11 7.23 17.01
CA PRO A 27 -9.08 7.12 18.47
C PRO A 27 -7.75 7.37 19.20
N TYR A 28 -7.06 8.45 18.87
CA TYR A 28 -5.81 8.74 19.57
C TYR A 28 -6.15 8.91 21.05
N PRO A 29 -5.48 8.16 21.93
CA PRO A 29 -5.75 8.27 23.37
C PRO A 29 -5.17 9.55 23.93
N ILE A 30 -5.73 10.68 23.50
CA ILE A 30 -5.25 11.98 23.92
C ILE A 30 -6.33 12.83 24.58
N GLU A 31 -5.88 13.78 25.39
CA GLU A 31 -6.80 14.67 26.07
C GLU A 31 -7.33 15.70 25.08
N LEU A 32 -8.62 16.01 25.20
CA LEU A 32 -9.24 17.01 24.35
C LEU A 32 -8.95 18.36 25.01
N THR A 33 -8.37 19.29 24.28
CA THR A 33 -8.03 20.60 24.83
C THR A 33 -8.50 21.73 23.92
N ASP A 34 -8.04 22.94 24.22
CA ASP A 34 -8.41 24.10 23.42
C ASP A 34 -7.58 24.19 22.14
N GLU A 35 -6.70 23.21 21.93
CA GLU A 35 -5.87 23.16 20.73
C GLU A 35 -6.40 22.05 19.85
N ASP A 36 -6.16 22.13 18.54
CA ASP A 36 -6.70 21.11 17.63
C ASP A 36 -5.63 20.41 16.80
N PHE A 37 -4.43 20.30 17.34
CA PHE A 37 -3.34 19.65 16.62
C PHE A 37 -2.54 18.74 17.52
N ILE A 38 -1.78 17.85 16.90
CA ILE A 38 -0.88 16.95 17.60
C ILE A 38 0.31 16.74 16.67
N TYR A 39 1.46 16.45 17.24
CA TYR A 39 2.65 16.22 16.42
C TYR A 39 2.81 14.73 16.25
N ILE A 40 3.16 14.33 15.04
CA ILE A 40 3.39 12.92 14.74
C ILE A 40 4.83 12.82 14.23
N ASP A 41 5.69 12.14 14.97
CA ASP A 41 7.08 11.98 14.58
C ASP A 41 7.10 11.15 13.29
N ASP A 42 7.72 11.67 12.23
CA ASP A 42 7.74 10.92 10.97
C ASP A 42 8.60 9.65 10.96
N PHE A 43 9.23 9.33 12.08
CA PHE A 43 10.03 8.10 12.16
C PHE A 43 9.39 7.11 13.14
N THR A 44 9.10 7.58 14.35
CA THR A 44 8.49 6.74 15.38
C THR A 44 6.97 6.70 15.30
N LEU A 45 6.38 7.70 14.63
CA LEU A 45 4.94 7.78 14.49
C LEU A 45 4.27 8.09 15.83
N GLN A 46 5.07 8.41 16.83
CA GLN A 46 4.55 8.73 18.16
C GLN A 46 3.85 10.09 18.09
N TYR A 47 2.78 10.25 18.87
CA TYR A 47 2.02 11.50 18.90
C TYR A 47 2.31 12.36 20.13
N PHE A 48 2.30 13.68 19.92
CA PHE A 48 2.57 14.62 21.01
C PHE A 48 1.63 15.81 20.97
N GLY A 49 1.12 16.20 22.13
CA GLY A 49 0.23 17.33 22.22
C GLY A 49 0.96 18.66 22.22
N SER A 50 2.25 18.63 22.52
CA SER A 50 3.04 19.86 22.56
C SER A 50 4.28 19.78 21.70
N LYS A 51 4.58 20.87 21.02
CA LYS A 51 5.77 20.95 20.17
C LYS A 51 7.00 20.63 21.01
N LYS A 52 7.03 21.21 22.21
CA LYS A 52 8.14 21.02 23.13
C LYS A 52 8.36 19.54 23.44
N GLN A 53 7.28 18.81 23.69
CA GLN A 53 7.37 17.38 23.97
C GLN A 53 7.94 16.66 22.75
N TYR A 54 7.40 16.99 21.58
CA TYR A 54 7.85 16.38 20.34
C TYR A 54 9.34 16.57 20.16
N GLU A 55 9.80 17.80 20.39
CA GLU A 55 11.21 18.15 20.27
C GLU A 55 12.04 17.31 21.24
N ARG A 56 11.59 17.26 22.48
CA ARG A 56 12.29 16.52 23.52
C ARG A 56 12.60 15.08 23.09
N TYR A 57 11.62 14.41 22.48
CA TYR A 57 11.81 13.03 22.03
C TYR A 57 12.49 12.93 20.67
N ARG A 58 12.38 13.97 19.86
CA ARG A 58 12.99 13.99 18.53
C ARG A 58 14.52 13.92 18.66
N LYS A 59 15.05 14.50 19.73
CA LYS A 59 16.49 14.51 19.98
C LYS A 59 17.05 13.13 20.28
N LYS A 60 16.23 12.26 20.86
CA LYS A 60 16.66 10.90 21.21
C LYS A 60 17.26 10.16 20.03
N CYS A 61 18.09 9.18 20.34
CA CYS A 61 18.75 8.37 19.32
C CYS A 61 17.80 7.27 18.82
N THR A 62 17.49 7.30 17.53
CA THR A 62 16.57 6.33 16.95
C THR A 62 16.90 6.05 15.48
N LEU A 63 16.55 4.86 15.02
CA LEU A 63 16.79 4.50 13.62
C LEU A 63 15.92 5.41 12.75
N ARG A 64 16.37 5.69 11.54
CA ARG A 64 15.63 6.56 10.66
C ARG A 64 14.90 5.82 9.53
N HIS A 65 14.15 4.79 9.91
CA HIS A 65 13.36 3.99 8.98
C HIS A 65 12.47 3.05 9.78
N PRO A 66 11.43 2.48 9.15
CA PRO A 66 10.50 1.55 9.82
C PRO A 66 11.22 0.41 10.54
N PRO A 67 10.70 0.00 11.71
CA PRO A 67 11.27 -1.08 12.52
C PRO A 67 11.03 -2.49 11.99
N GLY A 68 11.70 -2.85 10.90
CA GLY A 68 11.52 -4.17 10.35
C GLY A 68 12.64 -4.56 9.42
N ASN A 69 12.54 -5.77 8.85
CA ASN A 69 13.54 -6.27 7.92
C ASN A 69 13.32 -5.64 6.55
N GLU A 70 14.40 -5.15 5.95
CA GLU A 70 14.31 -4.55 4.63
C GLU A 70 14.40 -5.69 3.62
N ILE A 71 13.25 -6.17 3.16
CA ILE A 71 13.22 -7.29 2.22
C ILE A 71 13.26 -6.88 0.75
N TYR A 72 13.26 -5.58 0.48
CA TYR A 72 13.31 -5.06 -0.88
C TYR A 72 13.99 -3.71 -0.84
N ARG A 73 14.90 -3.49 -1.79
CA ARG A 73 15.62 -2.23 -1.84
C ARG A 73 16.15 -1.95 -3.24
N ASP A 74 15.61 -0.93 -3.90
CA ASP A 74 16.11 -0.56 -5.21
C ASP A 74 16.51 0.91 -5.10
N ASP A 75 16.92 1.53 -6.19
CA ASP A 75 17.35 2.93 -6.14
C ASP A 75 16.26 3.95 -5.84
N TYR A 76 15.00 3.52 -5.88
CA TYR A 76 13.87 4.40 -5.64
C TYR A 76 13.20 4.22 -4.26
N VAL A 77 12.89 2.98 -3.89
CA VAL A 77 12.23 2.71 -2.62
C VAL A 77 12.74 1.47 -1.89
N SER A 78 12.31 1.32 -0.64
CA SER A 78 12.65 0.17 0.19
C SER A 78 11.34 -0.31 0.82
N PHE A 79 11.26 -1.61 1.12
CA PHE A 79 10.08 -2.15 1.79
C PHE A 79 10.55 -2.85 3.06
N PHE A 80 9.90 -2.53 4.16
CA PHE A 80 10.24 -3.14 5.44
C PHE A 80 9.07 -4.00 5.88
N GLU A 81 9.38 -5.25 6.22
CA GLU A 81 8.37 -6.20 6.68
C GLU A 81 8.41 -6.17 8.20
N ILE A 82 7.29 -5.79 8.81
CA ILE A 82 7.18 -5.70 10.26
C ILE A 82 6.10 -6.63 10.80
N ASP A 83 6.47 -7.43 11.79
CA ASP A 83 5.54 -8.34 12.44
C ASP A 83 4.91 -7.52 13.57
N GLY A 84 3.61 -7.27 13.47
CA GLY A 84 2.91 -6.48 14.47
C GLY A 84 3.17 -6.88 15.91
N ARG A 85 3.24 -8.19 16.16
CA ARG A 85 3.48 -8.67 17.52
C ARG A 85 4.86 -8.28 18.02
N LYS A 86 5.80 -8.10 17.10
CA LYS A 86 7.17 -7.73 17.46
C LYS A 86 7.40 -6.22 17.58
N GLN A 87 6.48 -5.43 17.04
CA GLN A 87 6.59 -3.98 17.12
C GLN A 87 5.22 -3.37 17.41
N ARG A 88 4.61 -3.83 18.50
CA ARG A 88 3.29 -3.38 18.89
C ARG A 88 3.09 -1.88 18.95
N THR A 89 3.96 -1.19 19.67
CA THR A 89 3.85 0.25 19.81
C THR A 89 3.88 0.98 18.47
N TRP A 90 4.92 0.72 17.68
CA TRP A 90 5.08 1.38 16.39
C TRP A 90 3.89 1.10 15.47
N CYS A 91 3.51 -0.16 15.37
CA CYS A 91 2.40 -0.56 14.52
C CYS A 91 1.07 0.02 14.99
N ARG A 92 0.90 0.14 16.31
CA ARG A 92 -0.35 0.72 16.82
C ARG A 92 -0.39 2.19 16.40
N ASN A 93 0.78 2.84 16.47
CA ASN A 93 0.87 4.25 16.07
C ASN A 93 0.58 4.38 14.58
N LEU A 94 1.05 3.41 13.80
CA LEU A 94 0.83 3.41 12.36
C LEU A 94 -0.67 3.29 12.07
N CYS A 95 -1.33 2.38 12.80
CA CYS A 95 -2.77 2.18 12.61
C CYS A 95 -3.60 3.39 13.01
N LEU A 96 -3.19 4.10 14.06
CA LEU A 96 -3.91 5.30 14.48
C LEU A 96 -3.79 6.36 13.39
N LEU A 97 -2.60 6.48 12.83
CA LEU A 97 -2.33 7.45 11.76
C LEU A 97 -3.16 7.09 10.53
N SER A 98 -3.18 5.80 10.22
CA SER A 98 -3.91 5.29 9.07
C SER A 98 -5.42 5.57 9.17
N LYS A 99 -5.99 5.31 10.35
CA LYS A 99 -7.43 5.51 10.56
C LYS A 99 -7.89 6.94 10.28
N LEU A 100 -6.98 7.90 10.33
CA LEU A 100 -7.35 9.29 10.06
C LEU A 100 -7.77 9.44 8.60
N PHE A 101 -7.43 8.47 7.77
CA PHE A 101 -7.75 8.53 6.35
C PHE A 101 -8.56 7.33 5.86
N LEU A 102 -9.18 6.63 6.80
CA LEU A 102 -10.01 5.47 6.50
C LEU A 102 -11.36 5.62 7.21
N ASP A 103 -12.44 5.29 6.50
CA ASP A 103 -13.78 5.38 7.08
C ASP A 103 -13.90 4.38 8.24
N HIS A 104 -13.32 3.21 8.06
CA HIS A 104 -13.35 2.16 9.07
C HIS A 104 -12.04 1.38 9.08
N LYS A 105 -11.64 0.93 10.26
CA LYS A 105 -10.43 0.12 10.42
C LYS A 105 -10.58 -0.70 11.67
N THR A 106 -10.14 -1.95 11.62
CA THR A 106 -10.23 -2.83 12.78
C THR A 106 -9.52 -2.19 13.98
N LEU A 107 -9.92 -2.58 15.19
CA LEU A 107 -9.32 -2.05 16.42
C LEU A 107 -7.82 -1.81 16.26
N TYR A 108 -7.40 -0.54 16.32
CA TYR A 108 -6.01 -0.15 16.15
C TYR A 108 -5.04 -0.80 17.12
N TYR A 109 -5.52 -1.15 18.30
CA TYR A 109 -4.68 -1.72 19.34
C TYR A 109 -4.18 -3.15 19.09
N ASP A 110 -5.01 -3.96 18.44
CA ASP A 110 -4.62 -5.35 18.18
C ASP A 110 -3.88 -5.50 16.86
N VAL A 111 -2.54 -5.40 16.91
CA VAL A 111 -1.72 -5.51 15.71
C VAL A 111 -1.06 -6.89 15.53
N ASP A 112 -1.12 -7.73 16.54
CA ASP A 112 -0.52 -9.06 16.49
C ASP A 112 -0.84 -9.92 15.27
N PRO A 113 -2.10 -9.94 14.82
CA PRO A 113 -2.48 -10.74 13.65
C PRO A 113 -1.96 -10.24 12.31
N PHE A 114 -1.28 -9.10 12.29
CA PHE A 114 -0.82 -8.55 11.03
C PHE A 114 0.66 -8.43 10.77
N LEU A 115 0.98 -8.38 9.49
CA LEU A 115 2.34 -8.17 9.00
C LEU A 115 2.15 -6.85 8.29
N PHE A 116 3.06 -5.90 8.51
CA PHE A 116 2.97 -4.61 7.86
C PHE A 116 4.16 -4.44 6.91
N TYR A 117 3.86 -4.07 5.66
CA TYR A 117 4.89 -3.84 4.66
C TYR A 117 4.88 -2.36 4.39
N CYS A 118 5.87 -1.68 4.96
CA CYS A 118 5.99 -0.22 4.85
C CYS A 118 7.02 0.19 3.81
N MET A 119 6.58 1.06 2.90
CA MET A 119 7.42 1.54 1.84
C MET A 119 8.00 2.90 2.15
N THR A 120 9.30 3.06 1.89
CA THR A 120 9.97 4.32 2.13
C THR A 120 10.63 4.78 0.84
N ARG A 121 10.77 6.09 0.70
CA ARG A 121 11.44 6.67 -0.44
C ARG A 121 12.74 7.17 0.18
N ARG A 122 13.85 6.89 -0.49
CA ARG A 122 15.14 7.32 0.04
C ARG A 122 15.67 8.52 -0.73
N ASP A 123 16.10 9.53 0.02
CA ASP A 123 16.63 10.78 -0.52
C ASP A 123 18.03 11.00 0.02
N GLU A 124 18.58 12.17 -0.25
CA GLU A 124 19.89 12.52 0.26
C GLU A 124 19.69 12.72 1.76
N LEU A 125 18.42 12.79 2.16
CA LEU A 125 18.05 12.96 3.56
C LEU A 125 17.74 11.65 4.26
N GLY A 126 17.80 10.54 3.53
CA GLY A 126 17.52 9.25 4.12
C GLY A 126 16.15 8.68 3.77
N HIS A 127 15.61 7.84 4.66
CA HIS A 127 14.30 7.21 4.45
C HIS A 127 13.14 8.11 4.83
N HIS A 128 12.06 7.99 4.08
CA HIS A 128 10.84 8.76 4.33
C HIS A 128 9.68 7.81 4.08
N LEU A 129 8.93 7.49 5.14
CA LEU A 129 7.77 6.61 5.03
C LEU A 129 6.73 7.29 4.14
N VAL A 130 6.30 6.62 3.07
CA VAL A 130 5.31 7.21 2.18
C VAL A 130 4.00 6.41 2.15
N GLY A 131 4.07 5.14 2.54
CA GLY A 131 2.85 4.32 2.53
C GLY A 131 3.10 2.92 3.05
N TYR A 132 2.04 2.13 3.14
CA TYR A 132 2.13 0.76 3.64
C TYR A 132 0.86 -0.01 3.30
N PHE A 133 0.92 -1.31 3.52
CA PHE A 133 -0.24 -2.18 3.38
C PHE A 133 -0.03 -3.25 4.43
N SER A 134 -1.11 -3.60 5.12
CA SER A 134 -1.06 -4.61 6.15
C SER A 134 -1.59 -5.88 5.51
N LYS A 135 -1.32 -7.01 6.16
CA LYS A 135 -1.74 -8.29 5.63
C LYS A 135 -1.94 -9.26 6.78
N GLU A 136 -3.06 -9.97 6.78
CA GLU A 136 -3.33 -10.94 7.83
C GLU A 136 -2.31 -12.07 7.72
N LYS A 137 -1.73 -12.45 8.85
CA LYS A 137 -0.76 -13.54 8.85
C LYS A 137 -1.51 -14.78 8.39
N GLU A 138 -2.79 -14.84 8.74
CA GLU A 138 -3.65 -15.95 8.36
C GLU A 138 -5.03 -15.44 7.91
N SER A 139 -5.26 -15.44 6.60
CA SER A 139 -6.54 -14.97 6.08
C SER A 139 -7.40 -16.11 5.56
N ALA A 140 -8.56 -16.28 6.17
CA ALA A 140 -9.48 -17.34 5.75
C ALA A 140 -9.96 -17.11 4.32
N ASP A 141 -10.01 -15.85 3.91
CA ASP A 141 -10.47 -15.50 2.56
C ASP A 141 -9.32 -15.38 1.56
N GLY A 142 -8.09 -15.58 2.03
CA GLY A 142 -6.95 -15.48 1.14
C GLY A 142 -6.61 -14.07 0.67
N TYR A 143 -7.04 -13.07 1.44
CA TYR A 143 -6.76 -11.68 1.09
C TYR A 143 -5.25 -11.43 1.18
N ASN A 144 -4.66 -10.86 0.12
CA ASN A 144 -3.22 -10.60 0.14
C ASN A 144 -2.91 -9.19 0.62
N VAL A 145 -3.96 -8.46 1.01
CA VAL A 145 -3.86 -7.12 1.54
C VAL A 145 -5.06 -6.88 2.46
N ALA A 146 -4.82 -6.38 3.67
CA ALA A 146 -5.89 -6.07 4.60
C ALA A 146 -6.23 -4.60 4.37
N SCY A 147 -5.33 -3.71 4.77
CA SCY A 147 -5.51 -2.29 4.57
CB SCY A 147 -5.55 -1.58 5.95
SG SCY A 147 -6.27 0.11 5.79
CD SCY A 147 -7.92 -0.47 5.28
OCD SCY A 147 -8.63 -1.14 6.02
CE SCY A 147 -8.40 0.05 3.92
C SCY A 147 -4.32 -1.79 3.74
O SCY A 147 -3.26 -2.40 3.78
N ILE A 148 -4.50 -0.72 2.98
CA ILE A 148 -3.41 -0.16 2.19
C ILE A 148 -3.56 1.36 2.25
N LEU A 149 -2.43 2.06 2.36
CA LEU A 149 -2.47 3.51 2.48
C LEU A 149 -1.24 4.24 1.98
N THR A 150 -1.46 5.36 1.30
CA THR A 150 -0.35 6.21 0.88
C THR A 150 -0.61 7.46 1.71
N LEU A 151 0.37 7.89 2.51
CA LEU A 151 0.16 9.08 3.31
C LEU A 151 -0.32 10.22 2.40
N PRO A 152 -1.28 11.03 2.88
CA PRO A 152 -1.86 12.15 2.14
C PRO A 152 -0.87 13.05 1.43
N GLN A 153 0.17 13.47 2.14
CA GLN A 153 1.18 14.36 1.57
C GLN A 153 1.93 13.74 0.40
N TYR A 154 1.78 12.42 0.22
CA TYR A 154 2.46 11.72 -0.87
C TYR A 154 1.52 11.07 -1.88
N GLN A 155 0.22 11.28 -1.73
CA GLN A 155 -0.73 10.68 -2.65
C GLN A 155 -0.67 11.23 -4.07
N ARG A 156 -1.08 10.40 -5.02
CA ARG A 156 -1.11 10.76 -6.42
C ARG A 156 0.28 10.99 -6.99
N MET A 157 1.23 10.16 -6.56
CA MET A 157 2.61 10.24 -7.03
C MET A 157 3.04 8.87 -7.55
N GLY A 158 2.10 7.93 -7.56
CA GLY A 158 2.40 6.59 -8.05
C GLY A 158 2.80 5.59 -6.97
N TYR A 159 2.89 6.03 -5.73
CA TYR A 159 3.28 5.17 -4.63
C TYR A 159 2.25 4.07 -4.34
N GLY A 160 0.97 4.40 -4.49
CA GLY A 160 -0.08 3.42 -4.23
C GLY A 160 0.04 2.23 -5.15
N LYS A 161 0.31 2.49 -6.43
CA LYS A 161 0.41 1.41 -7.41
C LYS A 161 1.62 0.54 -7.08
N LEU A 162 2.67 1.14 -6.54
CA LEU A 162 3.87 0.40 -6.15
C LEU A 162 3.54 -0.52 -4.98
N LEU A 163 2.78 -0.01 -4.01
CA LEU A 163 2.38 -0.80 -2.85
C LEU A 163 1.59 -2.03 -3.32
N ILE A 164 0.65 -1.80 -4.22
CA ILE A 164 -0.16 -2.90 -4.74
C ILE A 164 0.69 -3.90 -5.49
N GLU A 165 1.53 -3.42 -6.41
CA GLU A 165 2.39 -4.31 -7.17
C GLU A 165 3.24 -5.17 -6.24
N PHE A 166 3.75 -4.58 -5.17
CA PHE A 166 4.55 -5.32 -4.21
C PHE A 166 3.75 -6.41 -3.53
N SER A 167 2.50 -6.11 -3.16
CA SER A 167 1.67 -7.12 -2.49
C SER A 167 1.49 -8.32 -3.38
N TYR A 168 1.40 -8.11 -4.70
CA TYR A 168 1.24 -9.25 -5.60
C TYR A 168 2.56 -10.03 -5.75
N GLU A 169 3.70 -9.36 -5.61
CA GLU A 169 4.98 -10.04 -5.71
C GLU A 169 5.14 -11.01 -4.53
N LEU A 170 4.57 -10.65 -3.38
CA LEU A 170 4.63 -11.53 -2.22
C LEU A 170 3.76 -12.76 -2.52
N SER A 171 2.56 -12.52 -3.05
CA SER A 171 1.66 -13.61 -3.40
C SER A 171 2.33 -14.55 -4.41
N LYS A 172 2.98 -13.97 -5.41
CA LYS A 172 3.66 -14.77 -6.43
C LYS A 172 4.73 -15.62 -5.78
N LYS A 173 5.54 -15.02 -4.91
CA LYS A 173 6.60 -15.77 -4.24
C LYS A 173 5.97 -16.88 -3.40
N GLU A 174 4.75 -16.67 -2.90
CA GLU A 174 4.05 -17.68 -2.09
C GLU A 174 3.34 -18.74 -2.92
N ASN A 175 3.35 -18.59 -4.24
CA ASN A 175 2.67 -19.54 -5.12
C ASN A 175 1.16 -19.59 -4.87
N LYS A 176 0.58 -18.42 -4.62
CA LYS A 176 -0.86 -18.32 -4.39
C LYS A 176 -1.44 -17.09 -5.07
N VAL A 177 -2.72 -17.18 -5.44
CA VAL A 177 -3.40 -16.02 -6.01
C VAL A 177 -3.89 -15.27 -4.79
N GLY A 178 -4.20 -14.00 -4.95
CA GLY A 178 -4.67 -13.20 -3.84
C GLY A 178 -5.45 -12.00 -4.34
N SER A 179 -6.22 -11.40 -3.43
CA SER A 179 -7.03 -10.23 -3.75
C SER A 179 -7.18 -9.39 -2.49
N PRO A 180 -7.29 -8.06 -2.62
CA PRO A 180 -7.44 -7.19 -1.45
C PRO A 180 -8.72 -7.48 -0.67
N GLU A 181 -8.68 -7.23 0.63
CA GLU A 181 -9.83 -7.45 1.48
C GLU A 181 -11.01 -6.59 1.03
N LYS A 182 -12.21 -7.17 1.07
CA LYS A 182 -13.44 -6.46 0.71
C LYS A 182 -14.17 -6.14 2.02
N PRO A 183 -14.91 -5.03 2.05
CA PRO A 183 -15.08 -4.07 0.96
C PRO A 183 -13.93 -3.08 0.90
N LEU A 184 -13.68 -2.54 -0.28
CA LEU A 184 -12.62 -1.55 -0.47
C LEU A 184 -13.24 -0.16 -0.55
N SER A 185 -12.49 0.86 -0.14
CA SER A 185 -12.98 2.23 -0.24
C SER A 185 -13.00 2.52 -1.74
N ASP A 186 -13.70 3.56 -2.15
CA ASP A 186 -13.74 3.92 -3.57
C ASP A 186 -12.33 4.20 -4.06
N LEU A 187 -11.57 4.96 -3.26
CA LEU A 187 -10.18 5.29 -3.61
C LEU A 187 -9.40 4.00 -3.83
N GLY A 188 -9.54 3.06 -2.91
CA GLY A 188 -8.84 1.79 -3.01
C GLY A 188 -9.25 0.97 -4.22
N LEU A 189 -10.55 0.82 -4.44
CA LEU A 189 -11.02 0.03 -5.57
C LEU A 189 -10.60 0.64 -6.90
N LEU A 190 -10.67 1.96 -7.01
CA LEU A 190 -10.26 2.60 -8.26
C LEU A 190 -8.75 2.41 -8.53
N SER A 191 -7.95 2.40 -7.46
CA SER A 191 -6.51 2.19 -7.62
C SER A 191 -6.23 0.76 -8.07
N TYR A 192 -6.96 -0.22 -7.52
CA TYR A 192 -6.76 -1.60 -7.92
C TYR A 192 -7.20 -1.83 -9.36
N ARG A 193 -8.30 -1.21 -9.77
CA ARG A 193 -8.78 -1.36 -11.14
C ARG A 193 -7.75 -0.84 -12.12
N ALA A 194 -7.09 0.27 -11.78
CA ALA A 194 -6.08 0.84 -12.66
C ALA A 194 -4.89 -0.11 -12.70
N TYR A 195 -4.50 -0.61 -11.54
CA TYR A 195 -3.37 -1.54 -11.47
C TYR A 195 -3.67 -2.80 -12.29
N TRP A 196 -4.84 -3.39 -12.08
CA TRP A 196 -5.21 -4.59 -12.81
C TRP A 196 -5.23 -4.32 -14.31
N SER A 197 -5.76 -3.16 -14.70
CA SER A 197 -5.83 -2.80 -16.10
C SER A 197 -4.42 -2.66 -16.67
N ASP A 198 -3.58 -1.87 -16.01
CA ASP A 198 -2.20 -1.65 -16.47
C ASP A 198 -1.44 -2.97 -16.57
N THR A 199 -1.72 -3.89 -15.65
CA THR A 199 -1.05 -5.18 -15.64
C THR A 199 -1.40 -6.03 -16.85
N LEU A 200 -2.69 -6.17 -17.16
CA LEU A 200 -3.10 -6.99 -18.31
C LEU A 200 -2.62 -6.34 -19.61
N ILE A 201 -2.66 -5.02 -19.66
CA ILE A 201 -2.21 -4.28 -20.84
C ILE A 201 -0.72 -4.48 -21.10
N THR A 202 0.06 -4.45 -20.03
CA THR A 202 1.51 -4.62 -20.15
C THR A 202 1.84 -6.04 -20.57
N LEU A 203 1.13 -7.01 -20.00
CA LEU A 203 1.34 -8.41 -20.35
C LEU A 203 1.08 -8.68 -21.83
N LEU A 204 -0.02 -8.13 -22.34
CA LEU A 204 -0.40 -8.32 -23.74
C LEU A 204 0.61 -7.77 -24.72
N VAL A 205 1.31 -6.71 -24.33
CA VAL A 205 2.30 -6.10 -25.21
C VAL A 205 3.71 -6.67 -25.01
N GLU A 206 4.08 -6.93 -23.76
CA GLU A 206 5.41 -7.42 -23.47
C GLU A 206 5.58 -8.94 -23.38
N HIS A 207 4.48 -9.68 -23.17
CA HIS A 207 4.59 -11.13 -23.07
C HIS A 207 4.03 -11.86 -24.28
N GLN A 208 2.70 -11.84 -24.44
CA GLN A 208 2.03 -12.51 -25.55
C GLN A 208 0.75 -11.77 -25.97
N LYS A 209 0.47 -11.78 -27.28
CA LYS A 209 -0.72 -11.12 -27.82
C LYS A 209 -2.01 -11.78 -27.33
N GLU A 210 -1.91 -13.05 -26.95
CA GLU A 210 -3.05 -13.81 -26.46
C GLU A 210 -2.56 -14.59 -25.23
N ILE A 211 -3.32 -14.53 -24.14
CA ILE A 211 -2.95 -15.18 -22.88
C ILE A 211 -4.17 -15.76 -22.19
N THR A 212 -4.06 -16.99 -21.69
CA THR A 212 -5.19 -17.63 -21.01
C THR A 212 -5.31 -17.12 -19.58
N ILE A 213 -6.46 -17.34 -18.97
CA ILE A 213 -6.69 -16.91 -17.60
C ILE A 213 -5.67 -17.55 -16.68
N ASP A 214 -5.45 -18.85 -16.85
CA ASP A 214 -4.47 -19.58 -16.03
C ASP A 214 -3.10 -18.93 -16.12
N GLU A 215 -2.67 -18.65 -17.35
CA GLU A 215 -1.36 -18.04 -17.56
C GLU A 215 -1.27 -16.70 -16.86
N ILE A 216 -2.36 -15.92 -16.93
CA ILE A 216 -2.39 -14.60 -16.29
C ILE A 216 -2.28 -14.72 -14.78
N SER A 217 -3.12 -15.56 -14.16
CA SER A 217 -3.06 -15.70 -12.71
C SER A 217 -1.72 -16.26 -12.27
N SER A 218 -1.11 -17.11 -13.09
CA SER A 218 0.19 -17.68 -12.74
C SER A 218 1.28 -16.60 -12.74
N MET A 219 1.21 -15.68 -13.70
CA MET A 219 2.22 -14.62 -13.81
C MET A 219 1.97 -13.43 -12.90
N THR A 220 0.74 -13.22 -12.47
CA THR A 220 0.39 -12.05 -11.67
C THR A 220 -0.17 -12.29 -10.28
N SER A 221 -0.61 -13.51 -10.01
CA SER A 221 -1.24 -13.87 -8.75
C SER A 221 -2.62 -13.21 -8.62
N MET A 222 -3.10 -12.63 -9.70
CA MET A 222 -4.44 -12.03 -9.69
C MET A 222 -5.42 -13.19 -9.74
N THR A 223 -6.54 -13.07 -9.04
CA THR A 223 -7.56 -14.12 -9.03
C THR A 223 -8.35 -14.12 -10.33
N THR A 224 -8.99 -15.24 -10.63
CA THR A 224 -9.81 -15.36 -11.83
C THR A 224 -10.85 -14.25 -11.88
N THR A 225 -11.50 -14.01 -10.74
CA THR A 225 -12.53 -12.98 -10.66
C THR A 225 -12.03 -11.59 -11.01
N ASP A 226 -10.90 -11.17 -10.45
CA ASP A 226 -10.37 -9.85 -10.75
C ASP A 226 -9.88 -9.77 -12.19
N ILE A 227 -9.40 -10.88 -12.72
CA ILE A 227 -8.93 -10.91 -14.10
C ILE A 227 -10.11 -10.77 -15.08
N LEU A 228 -11.16 -11.56 -14.87
CA LEU A 228 -12.34 -11.52 -15.73
C LEU A 228 -13.02 -10.16 -15.70
N HIS A 229 -13.20 -9.60 -14.50
CA HIS A 229 -13.83 -8.28 -14.36
C HIS A 229 -13.03 -7.22 -15.12
N THR A 230 -11.71 -7.30 -14.99
CA THR A 230 -10.83 -6.35 -15.66
C THR A 230 -10.83 -6.55 -17.18
N ALA A 231 -10.81 -7.81 -17.62
CA ALA A 231 -10.82 -8.09 -19.05
C ALA A 231 -12.13 -7.65 -19.71
N LYS A 232 -13.25 -7.84 -19.02
CA LYS A 232 -14.55 -7.45 -19.56
C LYS A 232 -14.63 -5.94 -19.67
N THR A 233 -14.07 -5.24 -18.69
CA THR A 233 -14.07 -3.78 -18.71
C THR A 233 -13.29 -3.27 -19.91
N LEU A 234 -12.18 -3.92 -20.23
CA LEU A 234 -11.35 -3.51 -21.37
C LEU A 234 -11.83 -4.10 -22.69
N ASN A 235 -12.84 -4.97 -22.63
CA ASN A 235 -13.38 -5.61 -23.82
C ASN A 235 -12.33 -6.47 -24.52
N ILE A 236 -11.53 -7.19 -23.74
CA ILE A 236 -10.48 -8.02 -24.32
C ILE A 236 -10.66 -9.50 -24.02
N LEU A 237 -11.87 -9.91 -23.67
CA LEU A 237 -12.15 -11.31 -23.36
C LEU A 237 -12.65 -12.06 -24.59
N ARG A 238 -12.02 -13.20 -24.87
CA ARG A 238 -12.39 -14.04 -26.00
C ARG A 238 -12.20 -15.52 -25.71
N TYR A 239 -12.52 -16.33 -26.71
CA TYR A 239 -12.38 -17.78 -26.64
C TYR A 239 -11.48 -18.14 -27.82
N TYR A 240 -10.37 -18.82 -27.52
CA TYR A 240 -9.41 -19.23 -28.56
C TYR A 240 -8.74 -20.53 -28.13
N LYS A 241 -8.54 -21.43 -29.07
CA LYS A 241 -7.89 -22.71 -28.78
C LYS A 241 -8.55 -23.47 -27.63
N GLY A 242 -9.87 -23.39 -27.53
CA GLY A 242 -10.57 -24.12 -26.49
C GLY A 242 -10.65 -23.54 -25.10
N GLN A 243 -10.23 -22.29 -24.91
CA GLN A 243 -10.31 -21.68 -23.58
C GLN A 243 -10.32 -20.16 -23.64
N HIS A 244 -10.77 -19.55 -22.54
CA HIS A 244 -10.84 -18.09 -22.45
C HIS A 244 -9.48 -17.42 -22.38
N ILE A 245 -9.35 -16.34 -23.13
CA ILE A 245 -8.11 -15.59 -23.18
C ILE A 245 -8.40 -14.10 -23.24
N ILE A 246 -7.35 -13.30 -23.11
CA ILE A 246 -7.47 -11.86 -23.25
C ILE A 246 -6.60 -11.65 -24.49
N PHE A 247 -6.92 -10.65 -25.30
CA PHE A 247 -6.14 -10.44 -26.51
C PHE A 247 -5.76 -8.99 -26.68
N LEU A 248 -4.74 -8.76 -27.50
CA LEU A 248 -4.25 -7.42 -27.79
C LEU A 248 -5.01 -6.83 -28.98
N ASN A 249 -5.19 -5.51 -28.96
CA ASN A 249 -5.86 -4.78 -30.03
C ASN A 249 -5.24 -3.39 -30.05
N GLU A 250 -5.59 -2.57 -31.04
CA GLU A 250 -5.02 -1.22 -31.12
C GLU A 250 -5.29 -0.38 -29.87
N ASP A 251 -6.46 -0.57 -29.27
CA ASP A 251 -6.79 0.16 -28.06
C ASP A 251 -5.76 -0.14 -26.98
N ILE A 252 -5.48 -1.42 -26.78
CA ILE A 252 -4.50 -1.84 -25.76
C ILE A 252 -3.12 -1.27 -26.06
N LEU A 253 -2.70 -1.35 -27.32
CA LEU A 253 -1.39 -0.81 -27.69
C LEU A 253 -1.34 0.68 -27.35
N ASP A 254 -2.41 1.39 -27.70
CA ASP A 254 -2.51 2.82 -27.42
C ASP A 254 -2.38 3.07 -25.93
N ARG A 255 -3.11 2.30 -25.13
CA ARG A 255 -3.08 2.44 -23.68
C ARG A 255 -1.68 2.14 -23.15
N TYR A 256 -1.05 1.09 -23.69
CA TYR A 256 0.29 0.70 -23.28
C TYR A 256 1.30 1.82 -23.49
N ASN A 257 1.28 2.41 -24.69
CA ASN A 257 2.19 3.49 -25.01
C ASN A 257 1.95 4.72 -24.13
N ARG A 258 0.69 5.02 -23.87
CA ARG A 258 0.36 6.15 -23.02
C ARG A 258 0.87 5.87 -21.62
N LEU A 259 0.74 4.62 -21.19
CA LEU A 259 1.19 4.21 -19.87
C LEU A 259 2.71 4.40 -19.82
N LYS A 260 3.41 3.86 -20.81
CA LYS A 260 4.86 3.97 -20.88
C LYS A 260 5.31 5.42 -20.97
N ALA A 261 4.56 6.23 -21.71
CA ALA A 261 4.88 7.63 -21.88
C ALA A 261 5.03 8.32 -20.52
N LYS A 262 4.28 7.83 -19.53
CA LYS A 262 4.33 8.41 -18.19
C LYS A 262 5.59 7.99 -17.45
N LYS A 263 6.36 7.09 -18.04
CA LYS A 263 7.60 6.57 -17.44
C LYS A 263 7.49 6.43 -15.92
N ARG A 264 6.57 5.57 -15.49
CA ARG A 264 6.34 5.31 -14.06
C ARG A 264 7.32 4.28 -13.53
N ARG A 265 7.64 4.40 -12.24
CA ARG A 265 8.55 3.47 -11.58
C ARG A 265 7.76 2.19 -11.29
N THR A 266 8.45 1.04 -11.31
CA THR A 266 7.80 -0.24 -11.02
C THR A 266 8.65 -1.07 -10.07
N ILE A 267 8.11 -2.21 -9.64
CA ILE A 267 8.81 -3.10 -8.72
C ILE A 267 9.60 -4.15 -9.50
N ASP A 268 10.86 -4.35 -9.12
CA ASP A 268 11.68 -5.36 -9.78
C ASP A 268 11.63 -6.63 -8.93
N PRO A 269 10.93 -7.67 -9.41
CA PRO A 269 10.78 -8.93 -8.69
C PRO A 269 12.11 -9.53 -8.22
N ASN A 270 13.16 -9.30 -8.99
CA ASN A 270 14.47 -9.84 -8.66
C ASN A 270 15.06 -9.25 -7.39
N ARG A 271 14.57 -8.10 -6.97
CA ARG A 271 15.10 -7.46 -5.77
C ARG A 271 14.35 -7.82 -4.49
N LEU A 272 13.34 -8.68 -4.62
CA LEU A 272 12.60 -9.13 -3.45
C LEU A 272 13.35 -10.32 -2.89
N ILE A 273 14.03 -10.12 -1.77
CA ILE A 273 14.78 -11.19 -1.11
C ILE A 273 13.87 -11.56 0.03
N TRP A 274 13.08 -12.61 -0.18
CA TRP A 274 12.10 -13.01 0.82
C TRP A 274 11.62 -14.43 0.60
N LYS A 275 11.35 -15.10 1.70
CA LYS A 275 10.87 -16.47 1.68
C LYS A 275 9.62 -16.52 2.55
N PRO A 276 8.52 -17.09 2.04
CA PRO A 276 7.31 -17.16 2.87
C PRO A 276 7.55 -18.04 4.08
N PRO A 277 6.83 -17.80 5.19
CA PRO A 277 7.00 -18.60 6.41
C PRO A 277 6.87 -20.10 6.15
N1A COA B . 2.17 13.37 -11.69
C2A COA B . 0.78 13.45 -11.75
N3A COA B . -0.10 12.50 -11.38
C4A COA B . 0.49 11.37 -10.92
C5A COA B . 1.89 11.12 -10.78
C6A COA B . 2.80 12.22 -11.21
N6A COA B . 4.09 12.13 -11.14
N7A COA B . 2.14 9.88 -10.27
C8A COA B . 0.91 9.35 -10.08
N9A COA B . -0.12 10.21 -10.45
C1B COA B . -1.60 9.96 -10.36
C2B COA B . -2.13 9.15 -11.53
O2B COA B . -2.29 10.01 -12.63
C3B COA B . -3.44 8.57 -10.98
O3B COA B . -4.50 9.45 -11.06
P3B COA B . -5.95 8.67 -11.39
O7A COA B . -5.79 8.06 -12.85
O8A COA B . -7.16 9.72 -11.46
O9A COA B . -6.15 7.52 -10.31
C4B COA B . -3.01 8.16 -9.55
O4B COA B . -1.87 9.07 -9.23
C5B COA B . -2.52 6.75 -9.40
O5B COA B . -2.67 6.44 -7.97
P1A COA B . -1.33 6.28 -7.09
O1A COA B . -0.66 7.63 -6.99
O2A COA B . -0.48 5.13 -7.57
O3A COA B . -1.85 5.95 -5.70
P2A COA B . -1.83 6.75 -4.29
O4A COA B . -2.53 8.08 -4.32
O5A COA B . -0.43 6.96 -3.73
O6A COA B . -2.60 5.62 -3.36
CBP COA B . -4.59 4.86 -2.18
CCP COA B . -3.95 5.15 -3.58
CDP COA B . -5.99 4.17 -2.27
CEP COA B . -3.54 3.92 -1.54
CAP COA B . -4.74 6.29 -1.46
OAP COA B . -5.79 7.08 -2.12
C9P COA B . -5.05 6.21 0.03
O9P COA B . -4.07 5.88 0.93
N8P COA B . -6.29 6.49 0.36
C7P COA B . -6.82 6.52 1.73
C6P COA B . -6.76 5.12 2.34
C5P COA B . -7.62 4.15 1.58
O5P COA B . -8.83 4.44 1.21
N4P COA B . -7.03 3.01 1.34
C3P COA B . -7.62 1.84 0.59
C2P COA B . -8.52 1.10 1.58
S1P COA B . -9.59 -0.13 0.77
#